data_6Y9C
#
_entry.id   6Y9C
#
_cell.length_a   91.242
_cell.length_b   91.242
_cell.length_c   87.366
_cell.angle_alpha   90.000
_cell.angle_beta   90.000
_cell.angle_gamma   120.000
#
_symmetry.space_group_name_H-M   'P 63'
#
loop_
_entity.id
_entity.type
_entity.pdbx_description
1 polymer 'Carnitine monooxygenase oxygenase subunit'
2 non-polymer 'FE (III) ION'
3 non-polymer CARNITINE
4 non-polymer 'THIOCYANATE ION'
5 non-polymer 'FE2/S2 (INORGANIC) CLUSTER'
6 water water
#
_entity_poly.entity_id   1
_entity_poly.type   'polypeptide(L)'
_entity_poly.pdbx_seq_one_letter_code
;MGSSHHHHHHSSGLVPRGSHMSAVEKLPEDFCANPDVAWTFPKVFYTSSQVFEHEKEAIFAKSWICVAHGSELAQPNDYI
TRKVIGENIVIIRGKDSVLRAFYNVCPHRGHELLSGSGKAKNVITCPYHAWTFKLDGSLALARNCDHVESFDKENSSMVP
LKVEEYAGFVFINMDENATCVEDQLPGFAERLNQACGVIKDLKLAARFVTETPANWKVIVDNYMECYHAGPAHPGFADSV
QVDKYWHTTHQNWTLQYGFARSSEKSFKLDPSVTDPEFHGFWTWPCTMFNVPPGSNFMTVIYEFPVDAETTLQHYDIYFT
NEELTQDQKDLIEWYRNVFRPEDLNLVESVQRGLKSRGYRGQGRIMTDKQRSGISEHGIAYFQHLVAQYHQ
;
_entity_poly.pdbx_strand_id   A
#
loop_
_chem_comp.id
_chem_comp.type
_chem_comp.name
_chem_comp.formula
152 non-polymer CARNITINE 'C7 H16 N O3 1'
FE non-polymer 'FE (III) ION' 'Fe 3'
FES non-polymer 'FE2/S2 (INORGANIC) CLUSTER' 'Fe2 S2'
SCN non-polymer 'THIOCYANATE ION' 'C N S -1'
#
# COMPACT_ATOMS: atom_id res chain seq x y z
N ALA A 23 20.93 -21.28 9.12
CA ALA A 23 20.65 -20.34 10.20
C ALA A 23 19.72 -19.23 9.74
N VAL A 24 18.96 -18.68 10.70
CA VAL A 24 18.05 -17.57 10.40
C VAL A 24 18.86 -16.34 10.07
N GLU A 25 18.50 -15.65 9.00
CA GLU A 25 19.17 -14.42 8.59
C GLU A 25 18.76 -13.29 9.52
N LYS A 26 19.68 -12.81 10.35
CA LYS A 26 19.39 -11.76 11.30
C LYS A 26 20.28 -10.56 11.00
N LEU A 27 19.74 -9.37 11.24
CA LEU A 27 20.46 -8.14 11.01
C LEU A 27 20.81 -7.48 12.36
N PRO A 28 21.85 -6.68 12.39
CA PRO A 28 22.15 -5.91 13.61
C PRO A 28 21.11 -4.83 13.85
N GLU A 29 20.82 -4.59 15.13
CA GLU A 29 19.79 -3.61 15.46
C GLU A 29 20.15 -2.21 14.98
N ASP A 30 21.45 -1.90 14.93
CA ASP A 30 21.89 -0.61 14.45
C ASP A 30 21.91 -0.52 12.92
N PHE A 31 21.48 -1.55 12.22
CA PHE A 31 21.54 -1.55 10.76
C PHE A 31 20.90 -0.31 10.19
N CYS A 32 21.69 0.49 9.46
CA CYS A 32 21.18 1.69 8.82
C CYS A 32 20.76 2.74 9.85
N ALA A 33 21.20 2.61 11.10
CA ALA A 33 20.92 3.63 12.10
C ALA A 33 21.69 4.92 11.83
N ASN A 34 22.76 4.86 11.04
CA ASN A 34 23.52 6.03 10.64
C ASN A 34 23.44 6.16 9.12
N PRO A 35 22.46 6.90 8.60
CA PRO A 35 22.31 6.99 7.14
C PRO A 35 23.51 7.59 6.44
N ASP A 36 24.38 8.32 7.13
CA ASP A 36 25.56 8.88 6.48
C ASP A 36 26.52 7.80 6.01
N VAL A 37 26.53 6.65 6.69
CA VAL A 37 27.40 5.52 6.34
C VAL A 37 26.57 4.26 6.40
N ALA A 38 25.86 3.95 5.31
CA ALA A 38 24.92 2.84 5.33
C ALA A 38 24.87 2.16 3.97
N TRP A 39 24.48 0.88 4.01
CA TRP A 39 24.29 0.07 2.82
C TRP A 39 22.95 -0.65 2.91
N THR A 40 22.35 -0.89 1.76
CA THR A 40 21.12 -1.66 1.73
C THR A 40 21.32 -3.03 2.38
N PHE A 41 20.21 -3.74 2.54
CA PHE A 41 20.24 -5.09 3.10
C PHE A 41 21.21 -5.99 2.34
N PRO A 42 21.89 -6.92 3.01
CA PRO A 42 22.46 -8.06 2.28
C PRO A 42 21.40 -8.64 1.36
N LYS A 43 21.85 -9.14 0.21
CA LYS A 43 20.94 -9.44 -0.87
C LYS A 43 19.93 -10.52 -0.50
N VAL A 44 20.28 -11.41 0.44
CA VAL A 44 19.38 -12.49 0.84
C VAL A 44 18.06 -11.98 1.37
N PHE A 45 17.97 -10.69 1.72
CA PHE A 45 16.71 -10.18 2.23
C PHE A 45 15.74 -9.80 1.12
N TYR A 46 16.21 -9.64 -0.12
CA TYR A 46 15.30 -9.37 -1.21
C TYR A 46 14.88 -10.64 -1.96
N THR A 47 15.41 -11.81 -1.59
CA THR A 47 15.19 -13.00 -2.40
C THR A 47 14.75 -14.19 -1.58
N SER A 48 15.21 -14.26 -0.33
CA SER A 48 15.03 -15.46 0.47
C SER A 48 13.55 -15.74 0.69
N SER A 49 13.15 -16.99 0.43
CA SER A 49 11.82 -17.45 0.81
C SER A 49 11.64 -17.47 2.32
N GLN A 50 12.70 -17.82 3.06
CA GLN A 50 12.59 -17.86 4.51
C GLN A 50 12.37 -16.48 5.09
N VAL A 51 13.08 -15.49 4.57
CA VAL A 51 12.93 -14.12 5.05
C VAL A 51 11.52 -13.61 4.75
N PHE A 52 10.97 -13.96 3.59
CA PHE A 52 9.64 -13.48 3.28
C PHE A 52 8.61 -14.07 4.23
N GLU A 53 8.69 -15.37 4.52
CA GLU A 53 7.72 -15.96 5.44
C GLU A 53 7.77 -15.25 6.79
N HIS A 54 8.96 -14.85 7.23
CA HIS A 54 9.05 -14.12 8.49
C HIS A 54 8.42 -12.74 8.36
N GLU A 55 8.82 -11.98 7.34
CA GLU A 55 8.22 -10.67 7.12
C GLU A 55 6.71 -10.79 6.94
N LYS A 56 6.26 -11.83 6.24
CA LYS A 56 4.83 -12.02 6.03
C LYS A 56 4.08 -12.11 7.35
N GLU A 57 4.63 -12.83 8.32
CA GLU A 57 3.95 -13.11 9.58
C GLU A 57 4.26 -12.08 10.65
N ALA A 58 5.54 -11.71 10.78
CA ALA A 58 5.92 -10.74 11.79
C ALA A 58 5.55 -9.32 11.40
N ILE A 59 5.32 -9.06 10.11
CA ILE A 59 5.03 -7.70 9.67
C ILE A 59 3.62 -7.62 9.12
N PHE A 60 3.36 -8.32 8.02
CA PHE A 60 2.16 -8.00 7.27
C PHE A 60 0.89 -8.57 7.90
N ALA A 61 1.02 -9.60 8.72
CA ALA A 61 -0.11 -10.16 9.45
C ALA A 61 -0.32 -9.48 10.79
N LYS A 62 0.59 -8.59 11.21
CA LYS A 62 0.46 -7.86 12.46
C LYS A 62 0.53 -6.34 12.26
N SER A 63 0.53 -5.86 11.02
CA SER A 63 0.56 -4.44 10.74
C SER A 63 -0.74 -3.98 10.09
N TRP A 64 -1.03 -2.68 10.19
CA TRP A 64 -2.20 -2.14 9.50
C TRP A 64 -1.89 -1.99 8.02
N ILE A 65 -2.70 -2.64 7.18
CA ILE A 65 -2.52 -2.65 5.73
C ILE A 65 -3.56 -1.74 5.10
N CYS A 66 -3.09 -0.69 4.43
CA CYS A 66 -4.03 0.15 3.67
C CYS A 66 -4.50 -0.60 2.43
N VAL A 67 -5.80 -0.57 2.18
CA VAL A 67 -6.37 -1.27 1.04
C VAL A 67 -7.17 -0.37 0.12
N ALA A 68 -7.70 0.77 0.59
CA ALA A 68 -8.54 1.58 -0.29
C ALA A 68 -8.78 2.97 0.29
N HIS A 69 -9.31 3.84 -0.58
CA HIS A 69 -9.85 5.11 -0.18
C HIS A 69 -11.25 4.91 0.40
N GLY A 70 -11.64 5.84 1.26
CA GLY A 70 -12.94 5.73 1.91
C GLY A 70 -14.09 5.73 0.92
N SER A 71 -13.92 6.39 -0.23
CA SER A 71 -15.02 6.52 -1.18
C SER A 71 -15.54 5.15 -1.63
N GLU A 72 -14.66 4.15 -1.77
CA GLU A 72 -15.10 2.85 -2.25
C GLU A 72 -15.96 2.10 -1.25
N LEU A 73 -16.12 2.63 -0.03
CA LEU A 73 -16.87 1.91 0.99
C LEU A 73 -17.77 2.87 1.78
N ALA A 74 -18.21 3.95 1.16
CA ALA A 74 -18.96 4.97 1.92
C ALA A 74 -20.44 4.68 2.04
N GLN A 75 -20.99 3.75 1.27
CA GLN A 75 -22.44 3.52 1.36
C GLN A 75 -22.73 2.14 1.94
N PRO A 76 -23.87 1.97 2.64
CA PRO A 76 -24.29 0.62 3.05
C PRO A 76 -24.25 -0.33 1.86
N ASN A 77 -23.72 -1.53 2.11
CA ASN A 77 -23.59 -2.67 1.22
C ASN A 77 -22.43 -2.53 0.25
N ASP A 78 -21.78 -1.38 0.16
CA ASP A 78 -20.56 -1.28 -0.63
C ASP A 78 -19.55 -2.30 -0.12
N TYR A 79 -18.87 -2.98 -1.05
CA TYR A 79 -17.79 -3.88 -0.65
C TYR A 79 -16.68 -3.86 -1.69
N ILE A 80 -15.48 -4.24 -1.22
CA ILE A 80 -14.33 -4.48 -2.06
C ILE A 80 -13.67 -5.77 -1.58
N THR A 81 -12.90 -6.39 -2.47
CA THR A 81 -12.04 -7.50 -2.08
C THR A 81 -10.61 -7.14 -2.43
N ARG A 82 -9.67 -7.66 -1.64
CA ARG A 82 -8.25 -7.48 -1.86
C ARG A 82 -7.57 -8.82 -1.61
N LYS A 83 -6.32 -8.94 -2.08
CA LYS A 83 -5.49 -10.10 -1.79
C LYS A 83 -4.14 -9.61 -1.33
N VAL A 84 -3.71 -10.00 -0.12
CA VAL A 84 -2.40 -9.63 0.40
C VAL A 84 -1.84 -10.80 1.17
N ILE A 85 -0.57 -11.15 0.89
CA ILE A 85 0.15 -12.26 1.49
C ILE A 85 -0.70 -13.51 1.57
N GLY A 86 -1.44 -13.81 0.51
CA GLY A 86 -2.13 -15.08 0.40
C GLY A 86 -3.48 -15.10 1.06
N GLU A 87 -4.00 -13.94 1.45
CA GLU A 87 -5.29 -13.83 2.12
C GLU A 87 -6.24 -13.01 1.26
N ASN A 88 -7.33 -13.65 0.85
CA ASN A 88 -8.44 -13.01 0.17
C ASN A 88 -9.34 -12.36 1.21
N ILE A 89 -9.46 -11.03 1.15
CA ILE A 89 -10.14 -10.24 2.18
C ILE A 89 -11.33 -9.53 1.56
N VAL A 90 -12.45 -9.52 2.28
CA VAL A 90 -13.60 -8.73 1.90
C VAL A 90 -13.74 -7.61 2.92
N ILE A 91 -13.99 -6.42 2.43
CA ILE A 91 -14.30 -5.27 3.29
C ILE A 91 -15.65 -4.74 2.85
N ILE A 92 -16.57 -4.60 3.81
CA ILE A 92 -17.95 -4.38 3.44
C ILE A 92 -18.60 -3.46 4.46
N ARG A 93 -19.30 -2.47 3.95
CA ARG A 93 -20.06 -1.54 4.75
C ARG A 93 -21.42 -2.18 5.01
N GLY A 94 -21.70 -2.51 6.26
CA GLY A 94 -22.96 -3.16 6.62
C GLY A 94 -24.17 -2.33 6.23
N LYS A 95 -25.31 -3.03 6.26
CA LYS A 95 -26.63 -2.41 6.02
C LYS A 95 -26.82 -1.36 7.10
N ASP A 96 -26.13 -1.54 8.21
CA ASP A 96 -26.19 -0.64 9.35
C ASP A 96 -25.13 0.47 9.26
N SER A 97 -24.43 0.58 8.14
CA SER A 97 -23.38 1.57 7.87
C SER A 97 -22.11 1.32 8.67
N VAL A 98 -21.99 0.17 9.30
CA VAL A 98 -20.78 -0.19 10.03
C VAL A 98 -19.81 -0.89 9.09
N LEU A 99 -18.58 -0.39 9.04
CA LEU A 99 -17.57 -0.97 8.16
C LEU A 99 -16.91 -2.17 8.82
N ARG A 100 -16.87 -3.29 8.11
CA ARG A 100 -16.27 -4.51 8.62
C ARG A 100 -15.44 -5.15 7.52
N ALA A 101 -14.58 -6.07 7.94
CA ALA A 101 -13.74 -6.80 7.02
C ALA A 101 -13.74 -8.26 7.43
N PHE A 102 -13.70 -9.15 6.44
CA PHE A 102 -13.76 -10.57 6.69
C PHE A 102 -12.81 -11.26 5.73
N TYR A 103 -12.37 -12.43 6.15
CA TYR A 103 -11.68 -13.35 5.21
C TYR A 103 -12.76 -13.83 4.25
N ASN A 104 -12.41 -13.84 3.00
CA ASN A 104 -13.34 -14.13 1.94
C ASN A 104 -13.39 -15.64 1.68
N VAL A 105 -13.83 -16.39 2.71
CA VAL A 105 -13.91 -17.85 2.66
C VAL A 105 -15.06 -18.31 3.56
N CYS A 106 -15.86 -19.25 3.06
CA CYS A 106 -17.04 -19.72 3.78
C CYS A 106 -16.65 -20.67 4.91
N PRO A 107 -17.26 -20.51 6.09
CA PRO A 107 -16.92 -21.38 7.23
C PRO A 107 -17.34 -22.82 7.05
N HIS A 108 -18.09 -23.14 6.00
CA HIS A 108 -18.52 -24.55 5.84
C HIS A 108 -17.45 -25.36 5.09
N ARG A 109 -17.33 -25.17 3.79
CA ARG A 109 -16.38 -25.94 3.02
C ARG A 109 -15.23 -25.13 2.45
N GLY A 110 -15.21 -23.81 2.66
CA GLY A 110 -14.07 -23.05 2.19
C GLY A 110 -14.22 -22.45 0.81
N HIS A 111 -15.43 -22.44 0.24
CA HIS A 111 -15.63 -21.70 -1.00
C HIS A 111 -15.48 -20.21 -0.73
N GLU A 112 -14.99 -19.48 -1.74
CA GLU A 112 -14.95 -18.02 -1.63
C GLU A 112 -16.36 -17.45 -1.70
N LEU A 113 -16.54 -16.28 -1.10
CA LEU A 113 -17.88 -15.73 -0.90
C LEU A 113 -18.23 -14.63 -1.88
N LEU A 114 -17.41 -13.58 -1.97
CA LEU A 114 -17.64 -12.50 -2.93
C LEU A 114 -16.44 -12.34 -3.86
N SER A 115 -16.68 -11.71 -5.00
CA SER A 115 -15.62 -11.41 -5.95
C SER A 115 -15.74 -9.98 -6.44
N GLY A 116 -14.60 -9.38 -6.72
CA GLY A 116 -14.60 -8.02 -7.23
C GLY A 116 -15.03 -7.00 -6.18
N SER A 117 -15.73 -5.97 -6.66
CA SER A 117 -16.24 -4.89 -5.82
C SER A 117 -17.62 -4.50 -6.31
N GLY A 118 -18.39 -3.89 -5.43
CA GLY A 118 -19.72 -3.47 -5.85
C GLY A 118 -20.64 -3.31 -4.66
N LYS A 119 -21.93 -3.46 -4.94
CA LYS A 119 -22.99 -3.47 -3.94
C LYS A 119 -23.31 -4.91 -3.59
N ALA A 120 -23.03 -5.29 -2.34
CA ALA A 120 -23.50 -6.58 -1.84
C ALA A 120 -25.03 -6.60 -1.77
N LYS A 121 -25.61 -7.77 -1.98
CA LYS A 121 -27.03 -7.93 -1.69
C LYS A 121 -27.23 -7.81 -0.18
N ASN A 122 -28.48 -7.91 0.26
CA ASN A 122 -28.73 -7.72 1.68
C ASN A 122 -28.19 -8.88 2.51
N VAL A 123 -27.96 -10.04 1.89
CA VAL A 123 -27.26 -11.15 2.54
C VAL A 123 -26.17 -11.63 1.60
N ILE A 124 -25.16 -12.27 2.16
CA ILE A 124 -24.10 -12.91 1.40
C ILE A 124 -24.45 -14.38 1.26
N THR A 125 -24.66 -14.85 0.03
CA THR A 125 -25.01 -16.24 -0.23
C THR A 125 -23.79 -16.94 -0.81
N CYS A 126 -23.32 -17.97 -0.13
CA CYS A 126 -22.15 -18.72 -0.60
C CYS A 126 -22.53 -19.53 -1.83
N PRO A 127 -21.77 -19.45 -2.92
CA PRO A 127 -22.19 -20.09 -4.18
C PRO A 127 -22.23 -21.61 -4.13
N TYR A 128 -21.66 -22.24 -3.10
CA TYR A 128 -21.50 -23.71 -3.10
C TYR A 128 -22.76 -24.38 -2.52
N HIS A 129 -23.04 -24.15 -1.26
CA HIS A 129 -24.16 -24.79 -0.55
C HIS A 129 -25.19 -23.77 -0.06
N ALA A 130 -25.06 -22.50 -0.47
CA ALA A 130 -26.08 -21.48 -0.24
C ALA A 130 -26.30 -21.12 1.22
N TRP A 131 -25.36 -21.44 2.11
CA TRP A 131 -25.38 -20.77 3.42
C TRP A 131 -25.48 -19.27 3.22
N THR A 132 -26.24 -18.60 4.08
CA THR A 132 -26.39 -17.14 4.03
C THR A 132 -25.73 -16.49 5.24
N PHE A 133 -25.24 -15.26 5.04
CA PHE A 133 -24.65 -14.48 6.11
C PHE A 133 -25.17 -13.06 6.02
N LYS A 134 -25.53 -12.48 7.17
CA LYS A 134 -25.77 -11.05 7.20
C LYS A 134 -24.48 -10.32 6.84
N LEU A 135 -24.63 -9.06 6.43
CA LEU A 135 -23.46 -8.28 6.02
C LEU A 135 -22.54 -8.02 7.20
N ASP A 136 -22.92 -8.47 8.40
CA ASP A 136 -22.03 -8.41 9.55
C ASP A 136 -21.35 -9.74 9.84
N GLY A 137 -21.39 -10.69 8.90
CA GLY A 137 -20.69 -11.94 9.05
C GLY A 137 -21.47 -13.01 9.77
N SER A 138 -22.54 -12.64 10.48
CA SER A 138 -23.33 -13.60 11.21
C SER A 138 -24.00 -14.56 10.24
N LEU A 139 -23.93 -15.85 10.58
CA LEU A 139 -24.67 -16.84 9.80
C LEU A 139 -26.16 -16.54 9.94
N ALA A 140 -26.86 -16.51 8.80
CA ALA A 140 -28.29 -16.25 8.78
C ALA A 140 -29.09 -17.53 8.62
N LEU A 141 -28.93 -18.23 7.50
CA LEU A 141 -29.59 -19.51 7.28
C LEU A 141 -28.61 -20.47 6.63
N ALA A 142 -28.42 -21.62 7.24
CA ALA A 142 -27.63 -22.72 6.69
C ALA A 142 -28.59 -23.88 6.48
N ARG A 143 -28.95 -24.13 5.22
CA ARG A 143 -29.98 -25.11 4.95
C ARG A 143 -29.65 -26.44 5.62
N ASN A 144 -30.64 -27.00 6.31
CA ASN A 144 -30.62 -28.29 6.97
C ASN A 144 -29.92 -28.25 8.32
N CYS A 145 -29.47 -27.09 8.78
CA CYS A 145 -28.65 -27.05 9.99
C CYS A 145 -29.41 -27.57 11.19
N ASP A 146 -30.73 -27.42 11.22
CA ASP A 146 -31.44 -27.88 12.42
C ASP A 146 -31.55 -29.39 12.50
N HIS A 147 -31.02 -30.11 11.52
CA HIS A 147 -31.03 -31.56 11.48
C HIS A 147 -29.63 -32.16 11.56
N VAL A 148 -28.63 -31.31 11.74
CA VAL A 148 -27.24 -31.72 11.93
C VAL A 148 -26.92 -31.68 13.41
N GLU A 149 -26.35 -32.76 13.92
CA GLU A 149 -26.17 -32.90 15.36
C GLU A 149 -25.09 -31.96 15.86
N SER A 150 -25.40 -31.20 16.89
CA SER A 150 -24.44 -30.36 17.58
C SER A 150 -23.92 -29.23 16.69
N PHE A 151 -24.69 -28.83 15.69
CA PHE A 151 -24.27 -27.75 14.82
C PHE A 151 -24.11 -26.48 15.65
N ASP A 152 -23.03 -25.76 15.38
CA ASP A 152 -22.62 -24.57 16.10
C ASP A 152 -22.85 -23.38 15.20
N LYS A 153 -24.02 -22.74 15.33
CA LYS A 153 -24.34 -21.64 14.43
C LYS A 153 -23.46 -20.43 14.73
N GLU A 154 -23.24 -20.14 16.01
CA GLU A 154 -22.42 -18.97 16.36
C GLU A 154 -20.96 -19.19 15.96
N ASN A 155 -20.46 -20.42 16.05
CA ASN A 155 -19.14 -20.71 15.51
C ASN A 155 -19.19 -21.10 14.04
N SER A 156 -20.20 -20.62 13.30
CA SER A 156 -20.20 -20.83 11.86
C SER A 156 -20.35 -19.52 11.10
N SER A 157 -19.96 -18.41 11.69
CA SER A 157 -20.05 -17.14 10.99
C SER A 157 -18.80 -16.90 10.17
N MET A 158 -18.89 -15.97 9.23
CA MET A 158 -17.71 -15.48 8.55
C MET A 158 -16.70 -15.02 9.60
N VAL A 159 -15.43 -15.21 9.31
CA VAL A 159 -14.37 -14.94 10.27
C VAL A 159 -13.85 -13.53 10.01
N PRO A 160 -13.92 -12.63 10.99
CA PRO A 160 -13.56 -11.23 10.75
C PRO A 160 -12.08 -10.94 10.99
N LEU A 161 -11.68 -9.75 10.52
CA LEU A 161 -10.42 -9.14 10.94
C LEU A 161 -10.69 -7.66 11.17
N LYS A 162 -9.70 -6.97 11.71
CA LYS A 162 -9.87 -5.58 12.09
C LYS A 162 -9.85 -4.67 10.86
N VAL A 163 -10.62 -3.60 10.92
CA VAL A 163 -10.67 -2.60 9.86
C VAL A 163 -10.80 -1.23 10.49
N GLU A 164 -10.08 -0.28 9.92
CA GLU A 164 -10.09 1.07 10.46
C GLU A 164 -10.04 2.07 9.32
N GLU A 165 -10.87 3.09 9.45
CA GLU A 165 -10.86 4.25 8.57
C GLU A 165 -9.99 5.31 9.21
N TYR A 166 -8.90 5.63 8.56
CA TYR A 166 -7.93 6.58 9.10
C TYR A 166 -7.44 7.41 7.94
N ALA A 167 -7.27 8.71 8.19
CA ALA A 167 -6.73 9.65 7.22
C ALA A 167 -7.52 9.67 5.93
N GLY A 168 -8.78 9.25 5.98
CA GLY A 168 -9.64 9.15 4.82
C GLY A 168 -9.45 7.86 4.04
N PHE A 169 -8.62 6.96 4.52
CA PHE A 169 -8.38 5.67 3.85
C PHE A 169 -8.78 4.54 4.78
N VAL A 170 -8.62 3.31 4.31
CA VAL A 170 -9.14 2.13 5.01
C VAL A 170 -7.98 1.17 5.21
N PHE A 171 -7.78 0.75 6.46
CA PHE A 171 -6.73 -0.19 6.80
C PHE A 171 -7.35 -1.45 7.38
N ILE A 172 -6.74 -2.60 7.09
CA ILE A 172 -7.08 -3.86 7.74
C ILE A 172 -5.88 -4.33 8.56
N ASN A 173 -6.18 -5.14 9.57
CA ASN A 173 -5.16 -5.76 10.43
C ASN A 173 -5.57 -7.18 10.73
N MET A 174 -4.69 -8.12 10.44
CA MET A 174 -4.97 -9.53 10.71
C MET A 174 -4.72 -9.92 12.14
N ASP A 175 -4.13 -9.02 12.94
CA ASP A 175 -3.80 -9.30 14.33
C ASP A 175 -4.96 -8.84 15.20
N GLU A 176 -5.70 -9.80 15.76
CA GLU A 176 -6.83 -9.52 16.62
C GLU A 176 -6.51 -8.45 17.67
N ASN A 177 -5.29 -8.46 18.18
CA ASN A 177 -4.91 -7.61 19.30
C ASN A 177 -4.47 -6.21 18.88
N ALA A 178 -4.38 -5.94 17.57
CA ALA A 178 -3.87 -4.66 17.09
C ALA A 178 -4.61 -3.51 17.76
N THR A 179 -3.93 -2.36 17.89
CA THR A 179 -4.55 -1.20 18.52
C THR A 179 -5.30 -0.38 17.49
N CYS A 180 -4.63 0.61 16.92
CA CYS A 180 -5.22 1.43 15.87
C CYS A 180 -4.10 1.92 14.96
N VAL A 181 -4.49 2.46 13.81
CA VAL A 181 -3.54 2.90 12.79
C VAL A 181 -2.73 4.12 13.25
N GLU A 182 -3.29 4.93 14.14
CA GLU A 182 -2.53 6.07 14.65
C GLU A 182 -1.35 5.61 15.50
N ASP A 183 -1.51 4.51 16.23
CA ASP A 183 -0.41 3.95 16.99
C ASP A 183 0.73 3.50 16.08
N GLN A 184 0.43 3.14 14.84
CA GLN A 184 1.45 2.65 13.92
C GLN A 184 2.07 3.74 13.05
N LEU A 185 1.37 4.88 12.90
CA LEU A 185 1.84 5.99 12.07
C LEU A 185 1.53 7.29 12.80
N PRO A 186 2.09 7.48 14.00
CA PRO A 186 1.76 8.66 14.79
C PRO A 186 1.95 9.95 13.99
N GLY A 187 0.92 10.78 13.98
CA GLY A 187 0.96 12.05 13.33
C GLY A 187 0.67 12.04 11.84
N PHE A 188 0.44 10.86 11.24
CA PHE A 188 0.35 10.83 9.78
C PHE A 188 -0.94 11.47 9.29
N ALA A 189 -2.07 11.06 9.85
CA ALA A 189 -3.31 11.68 9.40
C ALA A 189 -3.23 13.19 9.56
N GLU A 190 -2.69 13.64 10.69
CA GLU A 190 -2.56 15.09 10.90
C GLU A 190 -1.74 15.75 9.79
N ARG A 191 -0.60 15.14 9.43
CA ARG A 191 0.25 15.71 8.39
C ARG A 191 -0.37 15.56 7.00
N LEU A 192 -1.01 14.42 6.71
CA LEU A 192 -1.59 14.27 5.38
C LEU A 192 -2.73 15.25 5.13
N ASN A 193 -3.53 15.56 6.16
CA ASN A 193 -4.62 16.51 5.99
C ASN A 193 -4.13 17.95 5.78
N GLN A 194 -2.91 18.24 6.20
CA GLN A 194 -2.32 19.53 5.85
C GLN A 194 -1.78 19.54 4.43
N ALA A 195 -1.32 18.38 3.94
CA ALA A 195 -0.90 18.28 2.54
C ALA A 195 -2.09 18.37 1.59
N CYS A 196 -3.17 17.68 1.89
CA CYS A 196 -4.35 17.68 1.04
C CYS A 196 -5.60 17.88 1.90
N GLY A 197 -6.35 18.94 1.61
CA GLY A 197 -7.56 19.25 2.33
C GLY A 197 -8.84 18.74 1.71
N VAL A 198 -8.77 17.99 0.61
CA VAL A 198 -9.98 17.56 -0.07
C VAL A 198 -10.09 16.02 -0.10
N ILE A 199 -9.45 15.35 0.86
CA ILE A 199 -9.32 13.89 0.77
C ILE A 199 -10.70 13.24 0.82
N LYS A 200 -11.54 13.70 1.76
CA LYS A 200 -12.89 13.16 1.88
C LYS A 200 -13.68 13.29 0.59
N ASP A 201 -13.29 14.20 -0.29
CA ASP A 201 -13.98 14.42 -1.55
C ASP A 201 -13.38 13.63 -2.72
N LEU A 202 -12.26 12.95 -2.51
CA LEU A 202 -11.60 12.26 -3.63
C LEU A 202 -12.44 11.10 -4.12
N LYS A 203 -12.31 10.81 -5.42
CA LYS A 203 -13.02 9.71 -6.07
C LYS A 203 -12.04 8.96 -6.95
N LEU A 204 -12.08 7.63 -6.88
CA LEU A 204 -11.12 6.81 -7.63
C LEU A 204 -11.29 7.05 -9.12
N ALA A 205 -10.25 7.61 -9.74
CA ALA A 205 -10.33 7.94 -11.15
C ALA A 205 -9.80 6.82 -12.03
N ALA A 206 -8.89 6.01 -11.52
CA ALA A 206 -8.27 4.97 -12.33
C ALA A 206 -7.35 4.12 -11.46
N ARG A 207 -7.28 2.83 -11.76
CA ARG A 207 -6.45 1.89 -11.03
C ARG A 207 -5.62 1.08 -12.02
N PHE A 208 -4.30 1.13 -11.87
CA PHE A 208 -3.40 0.23 -12.58
C PHE A 208 -3.03 -0.90 -11.62
N VAL A 209 -3.38 -2.13 -12.00
CA VAL A 209 -3.00 -3.33 -11.26
C VAL A 209 -1.84 -3.99 -11.98
N THR A 210 -0.80 -4.34 -11.23
CA THR A 210 0.38 -4.98 -11.82
C THR A 210 0.98 -5.94 -10.80
N GLU A 211 1.09 -7.21 -11.16
CA GLU A 211 1.88 -8.12 -10.36
C GLU A 211 3.33 -7.91 -10.75
N THR A 212 4.17 -7.42 -9.80
CA THR A 212 5.53 -6.96 -10.12
C THR A 212 6.57 -7.93 -9.61
N PRO A 213 7.50 -8.41 -10.49
CA PRO A 213 8.56 -9.32 -10.05
C PRO A 213 9.67 -8.60 -9.30
N ALA A 214 9.34 -8.10 -8.11
CA ALA A 214 10.33 -7.47 -7.26
C ALA A 214 9.89 -7.61 -5.81
N ASN A 215 10.84 -7.87 -4.93
CA ASN A 215 10.55 -7.91 -3.51
C ASN A 215 9.92 -6.58 -3.06
N TRP A 216 8.92 -6.66 -2.17
CA TRP A 216 8.25 -5.44 -1.73
C TRP A 216 9.23 -4.38 -1.22
N LYS A 217 10.36 -4.81 -0.65
CA LYS A 217 11.30 -3.83 -0.13
C LYS A 217 12.07 -3.14 -1.23
N VAL A 218 12.35 -3.84 -2.35
CA VAL A 218 12.93 -3.19 -3.51
C VAL A 218 12.04 -2.03 -3.97
N ILE A 219 10.73 -2.18 -3.81
CA ILE A 219 9.79 -1.22 -4.36
C ILE A 219 9.73 0.01 -3.46
N VAL A 220 9.75 -0.22 -2.16
CA VAL A 220 9.88 0.87 -1.22
C VAL A 220 11.21 1.58 -1.44
N ASP A 221 12.29 0.81 -1.60
CA ASP A 221 13.60 1.40 -1.94
C ASP A 221 13.47 2.43 -3.04
N ASN A 222 12.79 2.06 -4.14
CA ASN A 222 12.69 2.88 -5.33
C ASN A 222 11.85 4.14 -5.09
N TYR A 223 10.97 4.13 -4.10
CA TYR A 223 10.18 5.31 -3.79
C TYR A 223 10.92 6.26 -2.85
N MET A 224 11.75 5.73 -1.97
CA MET A 224 12.36 6.50 -0.91
C MET A 224 13.47 7.45 -1.37
N GLU A 225 13.79 7.50 -2.66
CA GLU A 225 14.83 8.40 -3.13
C GLU A 225 14.41 9.11 -4.41
N CYS A 226 15.04 10.26 -4.63
CA CYS A 226 14.90 11.07 -5.83
C CYS A 226 16.18 11.10 -6.65
N TYR A 227 17.22 10.39 -6.21
CA TYR A 227 18.46 10.24 -6.97
C TYR A 227 18.18 9.90 -8.44
N HIS A 228 17.19 9.04 -8.70
CA HIS A 228 16.99 8.54 -10.05
C HIS A 228 16.04 9.40 -10.90
N ALA A 229 15.54 10.51 -10.37
CA ALA A 229 14.58 11.33 -11.12
C ALA A 229 15.16 11.79 -12.45
N GLY A 230 16.30 12.45 -12.43
CA GLY A 230 16.90 13.00 -13.62
C GLY A 230 17.12 11.98 -14.73
N PRO A 231 17.80 10.88 -14.41
CA PRO A 231 18.18 9.90 -15.44
C PRO A 231 17.15 8.83 -15.75
N ALA A 232 15.94 8.91 -15.20
CA ALA A 232 14.94 7.86 -15.42
C ALA A 232 13.53 8.37 -15.73
N HIS A 233 13.30 9.66 -15.42
CA HIS A 233 11.95 10.27 -15.52
C HIS A 233 12.04 11.71 -16.04
N PRO A 234 12.23 11.93 -17.35
CA PRO A 234 12.30 13.27 -17.94
C PRO A 234 11.16 14.21 -17.53
N GLY A 235 9.94 13.89 -17.98
CA GLY A 235 8.75 14.73 -17.77
C GLY A 235 8.46 15.00 -16.31
N PHE A 236 8.63 14.01 -15.45
CA PHE A 236 8.33 14.27 -14.04
C PHE A 236 9.36 15.27 -13.51
N ALA A 237 10.65 14.93 -13.67
CA ALA A 237 11.72 15.78 -13.18
C ALA A 237 11.64 17.20 -13.74
N ASP A 238 10.85 17.41 -14.78
CA ASP A 238 10.73 18.75 -15.36
C ASP A 238 9.67 19.58 -14.64
N SER A 239 8.66 18.91 -14.07
CA SER A 239 7.69 19.62 -13.24
C SER A 239 8.18 19.72 -11.80
N VAL A 240 8.39 18.57 -11.15
CA VAL A 240 8.83 18.55 -9.75
C VAL A 240 10.32 18.88 -9.74
N GLN A 241 10.65 20.14 -9.42
CA GLN A 241 12.02 20.57 -9.26
C GLN A 241 12.64 19.90 -8.04
N VAL A 242 13.60 18.98 -8.26
CA VAL A 242 14.27 18.34 -7.13
C VAL A 242 15.47 19.16 -6.65
N ASP A 243 15.65 20.39 -7.15
CA ASP A 243 16.59 21.33 -6.55
C ASP A 243 16.09 21.84 -5.22
N LYS A 244 14.78 22.01 -5.07
CA LYS A 244 14.11 22.41 -3.82
C LYS A 244 13.30 21.21 -3.35
N TYR A 245 13.93 20.30 -2.61
CA TYR A 245 13.36 18.99 -2.31
C TYR A 245 13.94 18.48 -1.00
N TRP A 246 13.06 18.06 -0.08
CA TRP A 246 13.55 17.58 1.22
C TRP A 246 12.80 16.33 1.64
N HIS A 247 13.54 15.38 2.21
CA HIS A 247 13.00 14.12 2.69
C HIS A 247 13.12 14.08 4.21
N THR A 248 11.99 14.31 4.89
CA THR A 248 11.87 14.29 6.34
C THR A 248 11.42 12.92 6.80
N THR A 249 12.11 12.37 7.80
CA THR A 249 11.66 11.15 8.45
C THR A 249 10.86 11.48 9.71
N HIS A 250 9.96 10.55 10.07
CA HIS A 250 9.07 10.74 11.21
C HIS A 250 8.99 9.47 12.06
N GLN A 251 7.79 8.93 12.27
CA GLN A 251 7.59 7.74 13.10
C GLN A 251 6.84 6.70 12.29
N ASN A 252 7.58 5.88 11.54
CA ASN A 252 7.03 4.85 10.67
C ASN A 252 6.49 5.44 9.38
N TRP A 253 6.81 6.70 9.10
CA TRP A 253 6.57 7.30 7.79
C TRP A 253 7.57 8.44 7.57
N THR A 254 7.66 8.86 6.31
CA THR A 254 8.56 9.92 5.88
C THR A 254 7.79 10.78 4.90
N LEU A 255 8.30 11.97 4.61
CA LEU A 255 7.64 12.91 3.72
C LEU A 255 8.65 13.55 2.78
N GLN A 256 8.41 13.41 1.47
CA GLN A 256 9.20 14.09 0.44
C GLN A 256 8.36 15.22 -0.14
N TYR A 257 8.87 16.45 -0.08
CA TYR A 257 8.14 17.58 -0.64
C TYR A 257 9.07 18.43 -1.48
N GLY A 258 8.52 19.03 -2.53
CA GLY A 258 9.31 19.85 -3.42
C GLY A 258 8.43 20.80 -4.17
N PHE A 259 9.02 21.92 -4.60
CA PHE A 259 8.33 22.87 -5.45
C PHE A 259 8.15 22.27 -6.85
N ALA A 260 7.31 22.92 -7.65
CA ALA A 260 7.06 22.44 -9.01
C ALA A 260 6.53 23.59 -9.84
N ARG A 261 6.52 23.37 -11.16
CA ARG A 261 5.98 24.33 -12.12
C ARG A 261 5.26 23.57 -13.21
N SER A 262 4.53 24.31 -14.04
CA SER A 262 3.77 23.69 -15.12
C SER A 262 4.71 22.99 -16.10
N SER A 263 4.34 21.76 -16.49
CA SER A 263 5.17 20.96 -17.37
C SER A 263 4.30 20.35 -18.45
N GLU A 264 4.79 20.39 -19.70
CA GLU A 264 4.13 19.71 -20.80
C GLU A 264 4.60 18.28 -20.98
N LYS A 265 5.41 17.77 -20.04
CA LYS A 265 5.83 16.39 -20.04
C LYS A 265 5.37 15.63 -18.80
N SER A 266 4.44 16.20 -18.02
CA SER A 266 3.92 15.55 -16.82
C SER A 266 2.66 16.27 -16.34
N PHE A 267 2.83 17.23 -15.44
CA PHE A 267 1.73 18.05 -14.93
C PHE A 267 1.80 19.44 -15.55
N LYS A 268 0.66 19.94 -16.02
CA LYS A 268 0.61 21.24 -16.66
C LYS A 268 -0.37 22.15 -15.95
N LEU A 269 0.02 23.41 -15.81
CA LEU A 269 -0.70 24.43 -15.05
C LEU A 269 -1.01 23.92 -13.65
N THR A 274 -0.94 28.82 -6.75
CA THR A 274 0.05 29.71 -7.35
C THR A 274 1.40 29.02 -7.43
N ASP A 275 1.98 28.72 -6.27
CA ASP A 275 3.26 28.01 -6.22
C ASP A 275 3.01 26.51 -6.05
N PRO A 276 3.04 25.74 -7.14
CA PRO A 276 2.73 24.31 -7.04
C PRO A 276 3.67 23.59 -6.10
N GLU A 277 3.15 22.55 -5.45
CA GLU A 277 3.89 21.76 -4.49
C GLU A 277 3.73 20.28 -4.79
N PHE A 278 4.66 19.49 -4.28
CA PHE A 278 4.61 18.04 -4.36
C PHE A 278 4.77 17.46 -2.96
N HIS A 279 3.94 16.45 -2.65
CA HIS A 279 4.00 15.74 -1.37
C HIS A 279 4.10 14.25 -1.66
N GLY A 280 5.03 13.58 -1.00
CA GLY A 280 5.19 12.14 -1.14
C GLY A 280 5.43 11.46 0.19
N PHE A 281 4.39 10.86 0.76
CA PHE A 281 4.47 10.15 2.03
C PHE A 281 4.67 8.66 1.79
N TRP A 282 5.73 8.11 2.35
CA TRP A 282 5.83 6.67 2.56
C TRP A 282 5.39 6.39 3.98
N THR A 283 4.55 5.36 4.13
CA THR A 283 4.07 4.90 5.43
C THR A 283 4.28 3.40 5.57
N TRP A 284 4.60 3.00 6.79
CA TRP A 284 4.89 1.62 7.10
C TRP A 284 3.63 0.77 6.93
N PRO A 285 3.76 -0.44 6.32
CA PRO A 285 5.01 -1.02 5.81
C PRO A 285 5.33 -0.57 4.39
N CYS A 286 4.31 -0.51 3.54
CA CYS A 286 4.56 -0.12 2.16
C CYS A 286 3.29 0.40 1.50
N THR A 287 2.76 1.54 1.96
CA THR A 287 1.75 2.29 1.20
C THR A 287 2.27 3.71 1.10
N MET A 288 2.09 4.32 -0.07
CA MET A 288 2.62 5.65 -0.32
C MET A 288 1.55 6.55 -0.92
N PHE A 289 1.49 7.76 -0.41
CA PHE A 289 0.44 8.72 -0.73
C PHE A 289 1.09 9.93 -1.40
N ASN A 290 0.59 10.30 -2.58
CA ASN A 290 1.16 11.39 -3.34
C ASN A 290 0.13 12.49 -3.52
N VAL A 291 0.55 13.71 -3.22
CA VAL A 291 -0.29 14.89 -3.43
C VAL A 291 0.45 15.75 -4.45
N PRO A 292 0.36 15.41 -5.74
CA PRO A 292 1.22 16.05 -6.72
C PRO A 292 0.92 17.53 -6.85
N PRO A 293 1.56 18.23 -7.78
CA PRO A 293 1.34 19.68 -7.89
C PRO A 293 -0.14 20.00 -8.10
N GLY A 294 -0.56 21.11 -7.49
CA GLY A 294 -1.94 21.52 -7.44
C GLY A 294 -2.65 21.14 -6.16
N SER A 295 -2.24 20.02 -5.55
CA SER A 295 -2.70 19.60 -4.24
C SER A 295 -4.19 19.29 -4.19
N ASN A 296 -4.84 19.18 -5.36
CA ASN A 296 -6.27 18.91 -5.42
C ASN A 296 -6.57 17.47 -5.81
N PHE A 297 -5.56 16.64 -6.00
CA PHE A 297 -5.74 15.22 -6.28
C PHE A 297 -4.66 14.43 -5.57
N MET A 298 -4.81 13.11 -5.59
CA MET A 298 -3.84 12.20 -4.99
C MET A 298 -3.60 11.01 -5.90
N THR A 299 -2.41 10.42 -5.78
CA THR A 299 -2.14 9.07 -6.27
C THR A 299 -1.61 8.26 -5.10
N VAL A 300 -1.95 6.98 -5.07
CA VAL A 300 -1.58 6.13 -3.94
C VAL A 300 -1.04 4.81 -4.50
N ILE A 301 0.13 4.40 -4.01
CA ILE A 301 0.71 3.11 -4.34
C ILE A 301 0.44 2.17 -3.18
N TYR A 302 -0.21 1.04 -3.47
CA TYR A 302 -0.48 0.02 -2.50
C TYR A 302 0.39 -1.19 -2.83
N GLU A 303 1.15 -1.68 -1.86
CA GLU A 303 2.02 -2.83 -2.05
C GLU A 303 1.44 -4.00 -1.27
N PHE A 304 1.01 -5.04 -1.99
CA PHE A 304 0.44 -6.24 -1.40
C PHE A 304 1.36 -7.42 -1.70
N PRO A 305 2.33 -7.73 -0.85
CA PRO A 305 3.35 -8.72 -1.22
C PRO A 305 2.75 -10.10 -1.41
N VAL A 306 3.22 -10.80 -2.44
CA VAL A 306 2.80 -12.17 -2.77
C VAL A 306 3.83 -13.15 -2.22
N ASP A 307 5.09 -12.99 -2.63
CA ASP A 307 6.16 -13.81 -2.09
C ASP A 307 7.45 -12.99 -2.18
N ALA A 308 8.59 -13.66 -1.96
CA ALA A 308 9.85 -12.93 -1.84
C ALA A 308 10.23 -12.15 -3.09
N GLU A 309 9.81 -12.61 -4.28
CA GLU A 309 10.16 -11.91 -5.52
C GLU A 309 8.93 -11.44 -6.26
N THR A 310 7.80 -11.27 -5.57
CA THR A 310 6.53 -10.96 -6.20
C THR A 310 5.76 -10.01 -5.31
N THR A 311 5.26 -8.93 -5.91
CA THR A 311 4.51 -7.91 -5.16
C THR A 311 3.36 -7.44 -6.02
N LEU A 312 2.13 -7.53 -5.51
CA LEU A 312 1.02 -6.96 -6.24
C LEU A 312 0.96 -5.48 -5.90
N GLN A 313 0.77 -4.64 -6.92
CA GLN A 313 0.76 -3.19 -6.76
C GLN A 313 -0.56 -2.65 -7.26
N HIS A 314 -1.15 -1.75 -6.48
CA HIS A 314 -2.24 -0.91 -6.95
C HIS A 314 -1.68 0.49 -7.08
N TYR A 315 -1.83 1.08 -8.24
CA TYR A 315 -1.53 2.49 -8.42
C TYR A 315 -2.85 3.17 -8.72
N ASP A 316 -3.33 3.95 -7.75
CA ASP A 316 -4.63 4.60 -7.80
C ASP A 316 -4.45 6.09 -8.06
N ILE A 317 -5.26 6.62 -8.98
CA ILE A 317 -5.32 8.05 -9.24
C ILE A 317 -6.70 8.53 -8.77
N TYR A 318 -6.72 9.51 -7.87
CA TYR A 318 -7.96 10.01 -7.29
C TYR A 318 -8.18 11.46 -7.66
N PHE A 319 -9.35 11.75 -8.24
CA PHE A 319 -9.77 13.13 -8.49
C PHE A 319 -11.09 13.40 -7.77
N THR A 320 -11.29 14.65 -7.36
CA THR A 320 -12.51 15.00 -6.63
C THR A 320 -13.74 15.03 -7.51
N ASN A 321 -13.58 15.21 -8.82
CA ASN A 321 -14.71 15.18 -9.75
C ASN A 321 -14.86 13.79 -10.34
N GLU A 322 -16.12 13.35 -10.50
CA GLU A 322 -16.36 12.07 -11.16
C GLU A 322 -16.20 12.19 -12.67
N GLU A 323 -16.73 13.26 -13.25
CA GLU A 323 -16.52 13.55 -14.67
C GLU A 323 -15.11 14.06 -14.88
N LEU A 324 -14.27 13.27 -15.56
CA LEU A 324 -12.89 13.67 -15.80
C LEU A 324 -12.80 14.69 -16.92
N THR A 325 -12.01 15.73 -16.71
CA THR A 325 -11.60 16.55 -17.83
C THR A 325 -10.61 15.76 -18.69
N GLN A 326 -10.24 16.34 -19.84
CA GLN A 326 -9.25 15.67 -20.69
C GLN A 326 -7.86 15.77 -20.07
N ASP A 327 -7.50 16.94 -19.54
CA ASP A 327 -6.24 17.09 -18.83
C ASP A 327 -6.06 15.96 -17.82
N GLN A 328 -7.13 15.63 -17.07
CA GLN A 328 -7.05 14.57 -16.08
C GLN A 328 -6.94 13.20 -16.72
N LYS A 329 -7.73 12.95 -17.76
CA LYS A 329 -7.63 11.67 -18.44
C LYS A 329 -6.27 11.55 -19.13
N ASP A 330 -5.86 12.58 -19.85
CA ASP A 330 -4.52 12.59 -20.44
C ASP A 330 -3.46 12.38 -19.38
N LEU A 331 -3.60 13.07 -18.24
CA LEU A 331 -2.66 12.85 -17.15
C LEU A 331 -2.69 11.39 -16.69
N ILE A 332 -3.88 10.79 -16.64
CA ILE A 332 -3.98 9.38 -16.29
C ILE A 332 -3.16 8.53 -17.26
N GLU A 333 -3.40 8.70 -18.57
CA GLU A 333 -2.65 7.93 -19.55
C GLU A 333 -1.15 8.19 -19.44
N TRP A 334 -0.76 9.43 -19.11
CA TRP A 334 0.64 9.74 -18.89
C TRP A 334 1.21 8.86 -17.77
N TYR A 335 0.47 8.74 -16.68
CA TYR A 335 0.90 7.88 -15.58
C TYR A 335 0.99 6.43 -16.03
N ARG A 336 0.03 5.96 -16.83
CA ARG A 336 -0.02 4.55 -17.18
C ARG A 336 1.10 4.20 -18.16
N ASN A 337 1.21 4.95 -19.25
CA ASN A 337 2.10 4.59 -20.35
C ASN A 337 3.51 5.14 -20.21
N VAL A 338 3.68 6.32 -19.61
CA VAL A 338 4.97 6.98 -19.54
C VAL A 338 5.62 6.83 -18.17
N PHE A 339 4.94 7.32 -17.13
CA PHE A 339 5.57 7.46 -15.81
C PHE A 339 5.73 6.10 -15.13
N ARG A 340 4.62 5.40 -14.91
CA ARG A 340 4.71 4.15 -14.15
C ARG A 340 5.60 3.10 -14.81
N PRO A 341 5.61 2.94 -16.13
CA PRO A 341 6.50 1.91 -16.71
C PRO A 341 7.97 2.14 -16.41
N GLU A 342 8.39 3.39 -16.23
CA GLU A 342 9.83 3.63 -15.96
C GLU A 342 10.18 3.11 -14.55
N ASP A 343 9.27 3.22 -13.58
CA ASP A 343 9.52 2.69 -12.24
C ASP A 343 9.28 1.17 -12.17
N LEU A 344 8.36 0.65 -12.98
CA LEU A 344 8.21 -0.79 -13.08
C LEU A 344 9.46 -1.44 -13.69
N ASN A 345 9.93 -0.89 -14.79
CA ASN A 345 11.15 -1.43 -15.41
C ASN A 345 12.34 -1.40 -14.46
N LEU A 346 12.41 -0.36 -13.61
CA LEU A 346 13.56 -0.22 -12.72
C LEU A 346 13.58 -1.30 -11.64
N VAL A 347 12.49 -1.47 -10.90
CA VAL A 347 12.52 -2.43 -9.80
C VAL A 347 12.66 -3.86 -10.33
N GLU A 348 12.17 -4.11 -11.54
CA GLU A 348 12.24 -5.48 -12.07
C GLU A 348 13.65 -5.83 -12.47
N SER A 349 14.41 -4.87 -13.00
CA SER A 349 15.80 -5.14 -13.34
C SER A 349 16.63 -5.30 -12.07
N VAL A 350 16.34 -4.47 -11.05
CA VAL A 350 17.07 -4.55 -9.80
C VAL A 350 16.90 -5.92 -9.16
N GLN A 351 15.67 -6.44 -9.16
CA GLN A 351 15.41 -7.77 -8.61
C GLN A 351 16.22 -8.83 -9.35
N ARG A 352 16.31 -8.71 -10.68
CA ARG A 352 17.14 -9.64 -11.43
C ARG A 352 18.61 -9.47 -11.07
N GLY A 353 19.09 -8.23 -10.99
CA GLY A 353 20.51 -8.01 -10.82
C GLY A 353 21.03 -8.38 -9.45
N LEU A 354 20.23 -8.24 -8.41
CA LEU A 354 20.78 -8.43 -7.08
C LEU A 354 20.98 -9.91 -6.74
N LYS A 355 20.50 -10.84 -7.57
CA LYS A 355 20.85 -12.25 -7.39
C LYS A 355 22.21 -12.59 -7.99
N SER A 356 22.79 -11.73 -8.82
CA SER A 356 24.04 -12.06 -9.48
C SER A 356 25.18 -12.11 -8.48
N ARG A 357 26.06 -13.11 -8.65
CA ARG A 357 27.25 -13.17 -7.80
C ARG A 357 28.15 -11.96 -8.01
N GLY A 358 27.93 -11.19 -9.07
CA GLY A 358 28.73 -9.99 -9.27
C GLY A 358 28.28 -8.82 -8.43
N TYR A 359 26.99 -8.77 -8.12
CA TYR A 359 26.49 -7.80 -7.14
C TYR A 359 26.92 -8.26 -5.76
N ARG A 360 27.98 -7.67 -5.22
CA ARG A 360 28.58 -8.12 -3.98
C ARG A 360 27.71 -7.69 -2.80
N GLY A 361 26.76 -8.56 -2.43
CA GLY A 361 26.04 -8.42 -1.18
C GLY A 361 25.09 -7.24 -1.07
N GLN A 362 25.65 -6.07 -0.80
CA GLN A 362 24.88 -4.86 -0.47
C GLN A 362 25.24 -3.73 -1.42
N GLY A 363 24.45 -2.66 -1.35
CA GLY A 363 24.70 -1.47 -2.14
C GLY A 363 24.77 -0.24 -1.27
N ARG A 364 25.54 0.75 -1.70
CA ARG A 364 25.74 1.96 -0.92
C ARG A 364 24.55 2.89 -1.06
N ILE A 365 24.08 3.43 0.06
CA ILE A 365 23.01 4.41 0.03
C ILE A 365 23.66 5.79 -0.05
N MET A 366 23.36 6.52 -1.11
CA MET A 366 24.12 7.73 -1.44
C MET A 366 23.54 8.90 -0.65
N THR A 367 23.71 8.83 0.66
CA THR A 367 23.37 9.94 1.55
C THR A 367 24.45 11.00 1.48
N ASP A 368 24.04 12.26 1.46
CA ASP A 368 24.98 13.36 1.63
C ASP A 368 24.72 14.08 2.94
N LYS A 369 25.78 14.73 3.44
CA LYS A 369 25.67 15.50 4.67
C LYS A 369 24.57 16.55 4.57
N GLN A 370 24.47 17.22 3.42
CA GLN A 370 23.48 18.28 3.29
C GLN A 370 22.04 17.77 3.31
N ARG A 371 21.80 16.46 3.10
CA ARG A 371 20.45 15.92 2.92
C ARG A 371 19.78 16.60 1.73
N SER A 372 20.55 16.71 0.67
CA SER A 372 20.19 17.26 -0.63
C SER A 372 18.93 16.60 -1.19
N GLY A 373 18.43 17.15 -2.31
CA GLY A 373 17.31 16.55 -3.00
C GLY A 373 17.60 15.17 -3.56
N ILE A 374 18.86 14.89 -3.92
CA ILE A 374 19.20 13.56 -4.45
C ILE A 374 19.77 12.64 -3.39
N SER A 375 19.80 13.05 -2.11
CA SER A 375 20.26 12.18 -1.05
C SER A 375 19.35 10.96 -0.90
N GLU A 376 19.96 9.78 -0.75
CA GLU A 376 19.23 8.53 -0.59
C GLU A 376 18.95 8.17 0.87
N HIS A 377 19.09 9.12 1.80
CA HIS A 377 18.96 8.81 3.22
C HIS A 377 17.62 8.19 3.57
N GLY A 378 16.59 8.43 2.76
CA GLY A 378 15.30 7.80 3.03
C GLY A 378 15.37 6.29 3.09
N ILE A 379 16.21 5.68 2.25
CA ILE A 379 16.25 4.22 2.26
C ILE A 379 16.70 3.72 3.61
N ALA A 380 17.58 4.46 4.28
CA ALA A 380 18.20 3.97 5.51
C ALA A 380 17.21 4.00 6.66
N TYR A 381 16.38 5.04 6.73
CA TYR A 381 15.30 5.06 7.71
C TYR A 381 14.39 3.85 7.54
N PHE A 382 13.97 3.58 6.31
CA PHE A 382 13.11 2.43 6.05
C PHE A 382 13.79 1.12 6.45
N GLN A 383 15.03 0.90 6.00
CA GLN A 383 15.66 -0.40 6.23
C GLN A 383 16.02 -0.59 7.69
N HIS A 384 16.30 0.49 8.40
CA HIS A 384 16.51 0.39 9.83
C HIS A 384 15.25 -0.13 10.54
N LEU A 385 14.08 0.32 10.11
CA LEU A 385 12.84 -0.20 10.70
C LEU A 385 12.66 -1.67 10.34
N VAL A 386 12.84 -2.02 9.06
CA VAL A 386 12.75 -3.42 8.68
C VAL A 386 13.68 -4.27 9.54
N ALA A 387 14.89 -3.77 9.77
CA ALA A 387 15.89 -4.53 10.53
C ALA A 387 15.38 -4.98 11.88
N GLN A 388 14.50 -4.18 12.51
CA GLN A 388 14.00 -4.52 13.84
C GLN A 388 13.17 -5.79 13.84
N TYR A 389 12.80 -6.30 12.67
CA TYR A 389 12.08 -7.57 12.56
C TYR A 389 13.00 -8.73 12.22
N HIS A 390 14.32 -8.55 12.35
CA HIS A 390 15.24 -9.64 12.09
C HIS A 390 16.31 -9.70 13.16
N GLN A 391 15.93 -9.45 14.42
CA GLN A 391 16.83 -9.64 15.55
C GLN A 391 16.76 -11.08 16.05
FE FE B . 10.61 6.89 -9.85
C1 152 C . 4.91 8.49 -7.66
O1A 152 C . 4.55 9.71 -7.59
O1B 152 C . 4.12 7.62 -8.08
C2 152 C . 6.32 8.10 -7.23
C3 152 C . 7.02 9.33 -6.65
O3 152 C . 6.14 10.01 -5.77
C4 152 C . 8.28 8.84 -5.93
N5 152 C . 8.95 9.88 -5.19
C5A 152 C . 8.74 11.19 -5.79
C5B 152 C . 8.45 9.91 -3.83
C5C 152 C . 10.38 9.61 -5.16
H21 152 C . 6.82 7.78 -8.00
H22 152 C . 6.27 7.40 -6.56
H3 152 C . 7.27 9.97 -7.33
HO3 152 C . 5.67 9.43 -5.35
H41 152 C . 8.89 8.48 -6.60
H42 152 C . 8.03 8.12 -5.32
H5A1 152 C . 7.89 11.54 -5.50
H5A2 152 C . 8.74 11.11 -6.76
H5A3 152 C . 9.45 11.79 -5.52
H5B1 152 C . 7.48 10.02 -3.84
H5B2 152 C . 8.86 10.64 -3.34
H5B3 152 C . 8.67 9.06 -3.39
H5C1 152 C . 10.54 8.70 -5.49
H5C2 152 C . 10.71 9.68 -4.25
H5C3 152 C . 10.85 10.23 -5.73
S SCN D . 11.54 10.84 -8.92
C SCN D . 10.51 9.69 -9.55
N SCN D . 9.79 8.98 -9.97
FE1 FES E . -20.08 -22.02 1.72
FE2 FES E . -20.75 -24.70 1.76
S1 FES E . -18.72 -23.79 1.36
S2 FES E . -22.09 -22.95 1.93
#